data_5N10
#
_entry.id   5N10
#
_cell.length_a   133.807
_cell.length_b   57.571
_cell.length_c   93.450
_cell.angle_alpha   90.00
_cell.angle_beta   98.64
_cell.angle_gamma   90.00
#
_symmetry.space_group_name_H-M   'C 1 2 1'
#
loop_
_entity.id
_entity.type
_entity.pdbx_description
1 polymer 'Estrogen receptor'
2 polymer '14-3-3 protein beta/alpha'
3 polymer '14-3-3 protein beta/alpha'
4 non-polymer GLYCEROL
5 non-polymer Cucurbit[8]uril
6 water water
#
loop_
_entity_poly.entity_id
_entity_poly.type
_entity_poly.pdbx_seq_one_letter_code
_entity_poly.pdbx_strand_id
1 'polypeptide(L)' FGGITGEAEGFPA(TPO)V F,C,D
2 'polypeptide(L)'
;MTMDKSELVQKAKLAEQAERYDDMAAAMKAVTEQGHELSNEERNLLSVAYKNVVGARRSSWRVISSIEQKTERNEKKQQM
GKEYREKIEAELQDICNDVLELLDKYLIPNATQPESKVFYLKMKGDYFRYLSEVASGDNKQTTVSNSQQAYQEAFEISKK
EMQPTHPIRLGLALNFSVFYYEILNSPEKACSLAKTAFDEAIAELDTLNEESYKDSTLIMQLLRDNLTLWTSENQGDEGD
AGEGEN
;
A
3 'polypeptide(L)'
;QGSMTMDKSELVQKAKLAEQAERYDDMAAAMKAVTEQGHELSNEERNLLSVAYKNVVGARRSSWRVISSIEQKTERNEKK
QQMGKEYREKIEAELQDICNDVLELLDKYLIPNATQPESKVFYLKMKGDYFRYLSEVASGDNKQTTVSNSQQAYQEAFEI
SKKEMQPTHPIRLGLALNFSVFYYEILNSPEKACSLAKTAFDEAIAELDTLNEESYKDSTLIMQLLRDNLTLWTSENQGD
EGDAGEGEN
;
B
#
# COMPACT_ATOMS: atom_id res chain seq x y z
N PHE A 11 -8.01 -12.08 13.09
CA PHE A 11 -9.31 -11.40 13.00
C PHE A 11 -10.26 -12.21 12.14
N PRO A 12 -11.56 -12.10 12.42
CA PRO A 12 -12.51 -12.85 11.59
C PRO A 12 -12.65 -12.23 10.20
N ALA A 13 -13.15 -13.01 9.25
CA ALA A 13 -13.25 -12.54 7.88
C ALA A 13 -14.47 -11.66 7.73
N VAL A 15 -16.24 -8.98 4.39
CA VAL A 15 -16.16 -8.65 2.96
C VAL A 15 -16.79 -7.31 2.65
N MET B 3 11.66 20.94 16.80
CA MET B 3 11.63 19.61 17.39
C MET B 3 13.04 19.04 17.47
N ASP B 4 13.25 18.13 18.41
CA ASP B 4 14.56 17.53 18.61
C ASP B 4 14.67 16.15 17.94
N LYS B 5 15.91 15.75 17.71
CA LYS B 5 16.27 14.57 16.93
C LYS B 5 15.67 13.27 17.45
N SER B 6 15.77 13.02 18.75
CA SER B 6 15.31 11.74 19.30
C SER B 6 13.80 11.59 19.11
N GLU B 7 13.08 12.70 19.16
N GLU B 7 13.10 12.71 19.19
CA GLU B 7 11.64 12.72 18.97
CA GLU B 7 11.67 12.75 18.98
C GLU B 7 11.26 12.35 17.54
C GLU B 7 11.37 12.26 17.57
N LEU B 8 12.00 12.91 16.60
CA LEU B 8 11.76 12.62 15.16
C LEU B 8 12.13 11.19 14.82
N VAL B 9 13.22 10.68 15.39
CA VAL B 9 13.61 9.30 15.15
C VAL B 9 12.55 8.33 15.69
N GLN B 10 11.99 8.60 16.86
CA GLN B 10 10.98 7.72 17.37
C GLN B 10 9.72 7.79 16.50
N LYS B 11 9.37 8.97 16.01
CA LYS B 11 8.24 9.10 15.11
C LYS B 11 8.47 8.24 13.85
N ALA B 12 9.69 8.32 13.32
CA ALA B 12 10.02 7.54 12.12
C ALA B 12 9.87 6.06 12.36
N LYS B 13 10.28 5.60 13.54
CA LYS B 13 10.19 4.19 13.84
C LYS B 13 8.73 3.70 13.95
N LEU B 14 7.89 4.50 14.59
CA LEU B 14 6.47 4.22 14.70
C LEU B 14 5.83 4.20 13.31
N ALA B 15 6.15 5.22 12.51
CA ALA B 15 5.62 5.34 11.15
C ALA B 15 6.01 4.12 10.31
N GLU B 16 7.25 3.67 10.44
CA GLU B 16 7.69 2.48 9.73
C GLU B 16 6.83 1.26 10.05
N GLN B 17 6.60 1.03 11.34
CA GLN B 17 5.85 -0.14 11.75
C GLN B 17 4.40 -0.07 11.24
N ALA B 18 3.87 1.14 11.20
CA ALA B 18 2.49 1.39 10.77
C ALA B 18 2.36 1.49 9.26
N GLU B 19 3.47 1.34 8.54
CA GLU B 19 3.53 1.46 7.10
C GLU B 19 3.00 2.81 6.61
N ARG B 20 3.37 3.85 7.34
CA ARG B 20 3.02 5.23 7.01
C ARG B 20 4.27 5.93 6.55
N TYR B 21 4.66 5.65 5.32
CA TYR B 21 5.97 6.05 4.87
C TYR B 21 6.11 7.55 4.58
N ASP B 22 5.01 8.24 4.27
CA ASP B 22 5.10 9.69 4.12
C ASP B 22 5.47 10.32 5.46
N ASP B 23 4.84 9.84 6.55
CA ASP B 23 5.20 10.35 7.86
C ASP B 23 6.66 10.01 8.16
N MET B 24 7.08 8.80 7.81
CA MET B 24 8.45 8.36 8.11
C MET B 24 9.45 9.25 7.37
N ALA B 25 9.18 9.48 6.10
CA ALA B 25 10.09 10.28 5.27
C ALA B 25 10.15 11.72 5.79
N ALA B 26 9.00 12.28 6.13
CA ALA B 26 8.97 13.64 6.65
C ALA B 26 9.80 13.76 7.92
N ALA B 27 9.67 12.79 8.84
CA ALA B 27 10.45 12.82 10.07
C ALA B 27 11.94 12.82 9.76
N MET B 28 12.37 11.89 8.90
CA MET B 28 13.80 11.75 8.65
C MET B 28 14.38 12.85 7.75
N LYS B 29 13.56 13.49 6.96
CA LYS B 29 13.98 14.67 6.19
C LYS B 29 14.27 15.77 7.20
N ALA B 30 13.39 15.94 8.17
CA ALA B 30 13.63 16.92 9.23
C ALA B 30 14.93 16.66 10.00
N VAL B 31 15.14 15.42 10.42
CA VAL B 31 16.39 15.01 11.05
C VAL B 31 17.60 15.40 10.18
N THR B 32 17.55 15.08 8.89
CA THR B 32 18.67 15.36 8.02
C THR B 32 18.95 16.87 7.91
N GLU B 33 17.89 17.67 7.82
CA GLU B 33 17.99 19.12 7.62
C GLU B 33 18.56 19.84 8.86
N GLN B 34 18.78 19.10 9.94
CA GLN B 34 19.42 19.66 11.13
C GLN B 34 20.94 19.74 10.94
N GLY B 35 21.43 19.10 9.88
CA GLY B 35 22.76 19.36 9.38
C GLY B 35 23.89 18.53 9.93
N HIS B 36 23.57 17.65 10.87
N HIS B 36 23.58 17.65 10.88
N HIS B 36 23.58 17.65 10.88
CA HIS B 36 24.54 16.77 11.51
CA HIS B 36 24.58 16.78 11.49
CA HIS B 36 24.59 16.79 11.48
C HIS B 36 24.63 15.44 10.76
C HIS B 36 24.63 15.45 10.74
C HIS B 36 24.63 15.44 10.76
N GLU B 37 25.82 14.83 10.73
CA GLU B 37 25.99 13.53 10.09
C GLU B 37 25.06 12.49 10.73
N LEU B 38 24.33 11.74 9.90
CA LEU B 38 23.44 10.70 10.42
C LEU B 38 24.15 9.48 10.96
N SER B 39 23.58 8.93 12.04
CA SER B 39 24.03 7.64 12.54
C SER B 39 23.63 6.59 11.54
N ASN B 40 24.19 5.40 11.65
CA ASN B 40 23.78 4.31 10.76
C ASN B 40 22.29 3.99 10.89
N GLU B 41 21.78 4.06 12.13
CA GLU B 41 20.34 3.83 12.37
C GLU B 41 19.49 4.88 11.65
N GLU B 42 19.86 6.14 11.80
CA GLU B 42 19.16 7.23 11.14
C GLU B 42 19.24 7.12 9.61
N ARG B 43 20.42 6.81 9.10
CA ARG B 43 20.62 6.66 7.68
C ARG B 43 19.70 5.59 7.13
N ASN B 44 19.60 4.49 7.85
CA ASN B 44 18.73 3.38 7.44
CA ASN B 44 18.78 3.41 7.34
C ASN B 44 17.27 3.78 7.39
N LEU B 45 16.82 4.48 8.43
CA LEU B 45 15.43 4.97 8.50
C LEU B 45 15.13 5.89 7.31
N LEU B 46 16.02 6.83 7.01
CA LEU B 46 15.83 7.74 5.89
C LEU B 46 15.72 6.94 4.58
N SER B 47 16.65 6.02 4.40
N SER B 47 16.63 6.00 4.40
CA SER B 47 16.70 5.20 3.18
CA SER B 47 16.67 5.21 3.16
C SER B 47 15.44 4.37 2.98
C SER B 47 15.41 4.37 2.98
N VAL B 48 14.98 3.69 4.03
CA VAL B 48 13.81 2.86 3.96
C VAL B 48 12.58 3.71 3.68
N ALA B 49 12.49 4.88 4.31
CA ALA B 49 11.32 5.73 4.10
C ALA B 49 11.19 6.10 2.63
N TYR B 50 12.24 6.65 2.08
CA TYR B 50 12.12 7.17 0.73
C TYR B 50 12.05 6.02 -0.27
N LYS B 51 12.66 4.89 0.02
CA LYS B 51 12.55 3.74 -0.89
C LYS B 51 11.09 3.37 -1.07
N ASN B 52 10.35 3.38 0.03
CA ASN B 52 8.95 3.07 -0.02
C ASN B 52 8.08 4.13 -0.65
N VAL B 53 8.36 5.41 -0.36
CA VAL B 53 7.63 6.51 -0.97
C VAL B 53 7.82 6.52 -2.50
N VAL B 54 9.06 6.43 -2.96
CA VAL B 54 9.29 6.42 -4.39
C VAL B 54 8.85 5.10 -5.03
N GLY B 55 9.02 3.98 -4.31
CA GLY B 55 8.65 2.67 -4.81
C GLY B 55 7.19 2.58 -5.22
N ALA B 56 6.33 3.22 -4.42
CA ALA B 56 4.88 3.27 -4.74
C ALA B 56 4.68 3.87 -6.12
N ARG B 57 5.40 4.95 -6.44
CA ARG B 57 5.23 5.62 -7.72
C ARG B 57 5.84 4.79 -8.84
N ARG B 58 7.01 4.22 -8.58
CA ARG B 58 7.60 3.35 -9.62
C ARG B 58 6.61 2.24 -10.00
N SER B 59 6.04 1.59 -8.99
CA SER B 59 5.10 0.51 -9.23
C SER B 59 3.86 0.98 -10.03
N SER B 60 3.27 2.06 -9.57
CA SER B 60 2.05 2.62 -10.20
C SER B 60 2.36 3.02 -11.64
N TRP B 61 3.50 3.64 -11.88
CA TRP B 61 3.88 4.13 -13.20
C TRP B 61 4.00 2.97 -14.17
N ARG B 62 4.65 1.89 -13.71
CA ARG B 62 4.78 0.70 -14.53
C ARG B 62 3.45 0.11 -14.91
N VAL B 63 2.51 0.09 -13.97
CA VAL B 63 1.17 -0.49 -14.21
C VAL B 63 0.45 0.34 -15.26
N ILE B 64 0.44 1.65 -15.08
CA ILE B 64 -0.30 2.52 -16.00
C ILE B 64 0.35 2.57 -17.36
N SER B 65 1.69 2.56 -17.39
CA SER B 65 2.38 2.47 -18.68
C SER B 65 2.00 1.23 -19.46
N SER B 66 1.92 0.12 -18.76
CA SER B 66 1.56 -1.15 -19.40
C SER B 66 0.13 -1.10 -19.95
N ILE B 67 -0.80 -0.56 -19.17
CA ILE B 67 -2.19 -0.40 -19.61
C ILE B 67 -2.25 0.48 -20.83
N GLU B 68 -1.55 1.60 -20.78
CA GLU B 68 -1.49 2.53 -21.91
C GLU B 68 -1.12 1.82 -23.22
N GLN B 69 -0.27 0.80 -23.13
CA GLN B 69 0.23 0.09 -24.32
C GLN B 69 -0.73 -1.01 -24.81
N LYS B 70 -1.60 -1.49 -23.92
CA LYS B 70 -2.62 -2.46 -24.29
C LYS B 70 -3.79 -1.80 -24.99
N THR B 71 -4.19 -0.62 -24.50
CA THR B 71 -5.29 0.12 -25.09
C THR B 71 -4.88 0.61 -26.47
N GLU B 72 -5.75 0.37 -27.45
CA GLU B 72 -5.48 0.73 -28.83
C GLU B 72 -5.43 2.24 -28.99
N ARG B 73 -4.69 2.74 -29.98
CA ARG B 73 -4.56 4.18 -30.20
C ARG B 73 -5.85 4.80 -30.77
N ASN B 74 -6.66 3.97 -31.42
CA ASN B 74 -7.96 4.39 -31.96
C ASN B 74 -9.08 4.28 -30.93
N GLU B 75 -8.75 3.70 -29.78
CA GLU B 75 -9.68 3.53 -28.67
C GLU B 75 -9.72 4.85 -27.91
N LYS B 76 -8.57 5.51 -27.93
CA LYS B 76 -8.42 6.89 -27.50
C LYS B 76 -9.00 7.16 -26.09
N LYS B 77 -9.08 6.11 -25.28
CA LYS B 77 -9.20 6.23 -23.81
C LYS B 77 -7.81 6.33 -23.23
N GLN B 78 -6.83 6.37 -24.12
CA GLN B 78 -5.44 6.36 -23.71
C GLN B 78 -4.96 7.77 -23.43
N GLN B 79 -5.77 8.76 -23.79
CA GLN B 79 -5.49 10.13 -23.36
C GLN B 79 -5.46 10.16 -21.85
N MET B 80 -6.46 9.54 -21.25
N MET B 80 -6.46 9.53 -21.23
CA MET B 80 -6.58 9.48 -19.80
CA MET B 80 -6.53 9.52 -19.78
C MET B 80 -5.44 8.70 -19.15
C MET B 80 -5.40 8.72 -19.16
N GLY B 81 -5.08 7.59 -19.76
CA GLY B 81 -3.94 6.80 -19.31
C GLY B 81 -2.67 7.63 -19.36
N LYS B 82 -2.46 8.31 -20.48
CA LYS B 82 -1.33 9.20 -20.63
C LYS B 82 -1.29 10.28 -19.54
N GLU B 83 -2.41 10.94 -19.28
CA GLU B 83 -2.40 12.03 -18.32
C GLU B 83 -2.18 11.50 -16.90
N TYR B 84 -2.73 10.32 -16.62
CA TYR B 84 -2.54 9.73 -15.28
C TYR B 84 -1.08 9.33 -15.12
N ARG B 85 -0.50 8.74 -16.17
CA ARG B 85 0.92 8.40 -16.14
C ARG B 85 1.74 9.63 -15.86
N GLU B 86 1.39 10.74 -16.50
CA GLU B 86 2.15 11.96 -16.31
C GLU B 86 2.03 12.50 -14.88
N LYS B 87 0.85 12.36 -14.27
CA LYS B 87 0.63 12.74 -12.88
C LYS B 87 1.58 11.97 -11.95
N ILE B 88 1.60 10.66 -12.13
CA ILE B 88 2.47 9.77 -11.32
C ILE B 88 3.93 10.12 -11.59
N GLU B 89 4.30 10.34 -12.86
CA GLU B 89 5.67 10.74 -13.18
C GLU B 89 6.12 11.98 -12.46
N ALA B 90 5.27 13.01 -12.47
CA ALA B 90 5.56 14.25 -11.74
C ALA B 90 5.81 14.03 -10.23
N GLU B 91 4.98 13.20 -9.60
CA GLU B 91 5.22 12.84 -8.19
C GLU B 91 6.58 12.17 -8.00
N LEU B 92 6.87 11.21 -8.86
CA LEU B 92 8.14 10.45 -8.80
C LEU B 92 9.28 11.44 -8.93
N GLN B 93 9.20 12.35 -9.90
CA GLN B 93 10.28 13.32 -10.07
C GLN B 93 10.44 14.24 -8.87
N ASP B 94 9.34 14.65 -8.24
N ASP B 94 9.37 14.65 -8.21
CA ASP B 94 9.43 15.49 -7.05
CA ASP B 94 9.58 15.51 -7.05
C ASP B 94 10.10 14.76 -5.87
C ASP B 94 10.14 14.76 -5.84
N ILE B 95 9.75 13.49 -5.67
CA ILE B 95 10.30 12.68 -4.61
C ILE B 95 11.79 12.50 -4.82
N CYS B 96 12.19 12.15 -6.03
CA CYS B 96 13.61 11.98 -6.29
C CYS B 96 14.36 13.29 -6.13
N ASN B 97 13.77 14.38 -6.59
CA ASN B 97 14.39 15.69 -6.39
C ASN B 97 14.66 15.99 -4.93
N ASP B 98 13.68 15.68 -4.06
CA ASP B 98 13.86 15.93 -2.65
CA ASP B 98 13.81 15.87 -2.63
C ASP B 98 15.03 15.13 -2.08
N VAL B 99 15.14 13.87 -2.45
CA VAL B 99 16.20 13.02 -1.97
C VAL B 99 17.54 13.52 -2.49
N LEU B 100 17.58 13.88 -3.77
CA LEU B 100 18.82 14.34 -4.37
C LEU B 100 19.29 15.67 -3.76
N GLU B 101 18.33 16.51 -3.38
CA GLU B 101 18.61 17.74 -2.61
C GLU B 101 19.25 17.40 -1.28
N LEU B 102 18.66 16.47 -0.53
CA LEU B 102 19.27 16.06 0.74
C LEU B 102 20.67 15.50 0.53
N LEU B 103 20.87 14.71 -0.52
CA LEU B 103 22.17 14.10 -0.75
C LEU B 103 23.23 15.17 -1.04
N ASP B 104 22.87 16.17 -1.84
CA ASP B 104 23.83 17.17 -2.28
C ASP B 104 24.17 18.14 -1.16
N LYS B 105 23.16 18.51 -0.38
CA LYS B 105 23.28 19.56 0.61
C LYS B 105 23.84 19.06 1.92
N TYR B 106 23.45 17.85 2.34
CA TYR B 106 23.80 17.34 3.65
C TYR B 106 24.57 16.05 3.65
N LEU B 107 24.05 15.03 2.99
CA LEU B 107 24.50 13.69 3.27
C LEU B 107 25.86 13.43 2.68
N ILE B 108 26.08 13.76 1.41
CA ILE B 108 27.40 13.50 0.83
C ILE B 108 28.44 14.42 1.47
N PRO B 109 28.13 15.72 1.63
CA PRO B 109 29.20 16.56 2.21
C PRO B 109 29.54 16.25 3.67
N ASN B 110 28.60 15.71 4.43
CA ASN B 110 28.91 15.40 5.82
C ASN B 110 29.50 14.02 6.00
N ALA B 111 29.67 13.24 4.94
CA ALA B 111 30.11 11.86 5.10
C ALA B 111 31.59 11.80 5.50
N THR B 112 31.88 11.27 6.69
CA THR B 112 33.27 11.23 7.18
C THR B 112 34.02 9.97 6.75
N GLN B 113 33.38 8.80 6.83
CA GLN B 113 34.08 7.55 6.52
C GLN B 113 33.77 7.07 5.09
N PRO B 114 34.70 6.34 4.45
CA PRO B 114 34.49 5.82 3.09
C PRO B 114 33.21 5.00 2.95
N GLU B 115 32.88 4.17 3.94
CA GLU B 115 31.68 3.32 3.81
C GLU B 115 30.44 4.20 3.64
N SER B 116 30.41 5.32 4.35
CA SER B 116 29.28 6.28 4.31
C SER B 116 29.22 7.00 2.98
N LYS B 117 30.38 7.40 2.49
CA LYS B 117 30.49 8.08 1.20
C LYS B 117 29.94 7.14 0.12
N VAL B 118 30.33 5.88 0.20
CA VAL B 118 29.86 4.91 -0.80
C VAL B 118 28.35 4.71 -0.69
N PHE B 119 27.86 4.60 0.55
CA PHE B 119 26.41 4.44 0.74
C PHE B 119 25.63 5.57 0.08
N TYR B 120 26.08 6.80 0.26
CA TYR B 120 25.31 7.91 -0.26
C TYR B 120 25.53 8.14 -1.75
N LEU B 121 26.73 7.88 -2.26
CA LEU B 121 26.91 7.97 -3.71
C LEU B 121 26.09 6.90 -4.41
N LYS B 122 25.99 5.71 -3.80
CA LYS B 122 25.14 4.66 -4.33
C LYS B 122 23.69 5.13 -4.36
N MET B 123 23.27 5.76 -3.28
N MET B 123 23.26 5.78 -3.27
CA MET B 123 21.91 6.26 -3.17
CA MET B 123 21.89 6.27 -3.19
C MET B 123 21.65 7.31 -4.26
C MET B 123 21.64 7.31 -4.28
N LYS B 124 22.61 8.19 -4.50
CA LYS B 124 22.50 9.15 -5.60
C LYS B 124 22.36 8.45 -6.95
N GLY B 125 23.18 7.42 -7.16
CA GLY B 125 23.03 6.62 -8.34
C GLY B 125 21.64 6.03 -8.47
N ASP B 126 21.12 5.52 -7.34
CA ASP B 126 19.82 4.88 -7.33
C ASP B 126 18.72 5.84 -7.71
N TYR B 127 18.73 7.03 -7.14
CA TYR B 127 17.62 7.96 -7.39
C TYR B 127 17.70 8.57 -8.79
N PHE B 128 18.90 8.77 -9.33
CA PHE B 128 18.99 9.15 -10.73
C PHE B 128 18.57 7.97 -11.61
N ARG B 129 18.86 6.75 -11.18
CA ARG B 129 18.35 5.58 -11.93
C ARG B 129 16.82 5.58 -11.97
N TYR B 130 16.18 5.81 -10.82
CA TYR B 130 14.72 5.87 -10.79
C TYR B 130 14.18 6.94 -11.74
N LEU B 131 14.80 8.11 -11.76
CA LEU B 131 14.40 9.13 -12.72
C LEU B 131 14.58 8.62 -14.14
N SER B 132 15.65 7.89 -14.38
CA SER B 132 15.96 7.39 -15.72
C SER B 132 14.94 6.35 -16.18
N GLU B 133 14.28 5.67 -15.24
CA GLU B 133 13.28 4.68 -15.61
C GLU B 133 12.09 5.31 -16.35
N VAL B 134 11.85 6.59 -16.09
CA VAL B 134 10.67 7.27 -16.63
C VAL B 134 10.99 8.51 -17.50
N ALA B 135 12.26 8.86 -17.60
CA ALA B 135 12.67 10.05 -18.37
C ALA B 135 12.67 9.78 -19.86
N SER B 136 12.61 10.86 -20.64
CA SER B 136 12.81 10.76 -22.09
C SER B 136 13.70 11.88 -22.57
N GLY B 137 14.17 11.78 -23.81
CA GLY B 137 14.85 12.87 -24.46
C GLY B 137 16.16 13.23 -23.82
N ASP B 138 16.45 14.53 -23.83
N ASP B 138 16.47 14.53 -23.83
CA ASP B 138 17.70 15.04 -23.29
CA ASP B 138 17.73 15.01 -23.27
C ASP B 138 17.73 14.92 -21.76
C ASP B 138 17.72 14.87 -21.76
N ASN B 139 16.55 14.96 -21.15
CA ASN B 139 16.44 14.79 -19.70
C ASN B 139 16.94 13.39 -19.32
N LYS B 140 16.57 12.40 -20.12
CA LYS B 140 17.01 11.03 -19.86
C LYS B 140 18.51 10.89 -20.02
N GLN B 141 19.09 11.49 -21.07
CA GLN B 141 20.54 11.46 -21.20
C GLN B 141 21.22 12.00 -19.94
N THR B 142 20.64 13.06 -19.37
CA THR B 142 21.23 13.68 -18.18
C THR B 142 21.10 12.78 -16.96
N THR B 143 19.92 12.23 -16.73
CA THR B 143 19.73 11.41 -15.53
C THR B 143 20.56 10.11 -15.65
N VAL B 144 20.64 9.54 -16.86
CA VAL B 144 21.43 8.31 -17.03
C VAL B 144 22.90 8.58 -16.75
N SER B 145 23.43 9.67 -17.29
N SER B 145 23.41 9.69 -17.28
CA SER B 145 24.80 10.07 -17.05
CA SER B 145 24.79 10.07 -17.05
C SER B 145 25.10 10.37 -15.58
C SER B 145 25.07 10.32 -15.57
N ASN B 146 24.17 11.05 -14.91
CA ASN B 146 24.36 11.39 -13.51
C ASN B 146 24.32 10.11 -12.65
N SER B 147 23.48 9.16 -13.04
CA SER B 147 23.38 7.89 -12.30
C SER B 147 24.72 7.16 -12.43
N GLN B 148 25.22 7.03 -13.65
CA GLN B 148 26.46 6.29 -13.90
C GLN B 148 27.63 6.92 -13.17
N GLN B 149 27.74 8.25 -13.19
N GLN B 149 27.72 8.25 -13.18
CA GLN B 149 28.84 8.92 -12.51
CA GLN B 149 28.81 8.97 -12.54
C GLN B 149 28.86 8.65 -11.01
C GLN B 149 28.87 8.77 -11.01
N ALA B 150 27.70 8.72 -10.37
CA ALA B 150 27.59 8.49 -8.94
C ALA B 150 27.96 7.07 -8.61
N TYR B 151 27.41 6.13 -9.38
CA TYR B 151 27.78 4.73 -9.14
C TYR B 151 29.28 4.45 -9.34
N GLN B 152 29.85 5.01 -10.40
CA GLN B 152 31.27 4.77 -10.65
C GLN B 152 32.17 5.39 -9.61
N GLU B 153 31.82 6.56 -9.11
CA GLU B 153 32.61 7.19 -8.05
C GLU B 153 32.51 6.32 -6.80
N ALA B 154 31.31 5.86 -6.48
CA ALA B 154 31.10 4.95 -5.34
C ALA B 154 31.94 3.69 -5.53
N PHE B 155 31.99 3.20 -6.77
CA PHE B 155 32.71 1.96 -7.10
C PHE B 155 34.19 2.15 -6.89
N GLU B 156 34.73 3.29 -7.30
CA GLU B 156 36.16 3.55 -7.11
C GLU B 156 36.53 3.64 -5.64
N ILE B 157 35.71 4.29 -4.82
CA ILE B 157 35.99 4.33 -3.39
C ILE B 157 35.93 2.95 -2.76
N SER B 158 34.86 2.23 -3.09
N SER B 158 34.89 2.18 -3.09
CA SER B 158 34.59 0.90 -2.56
CA SER B 158 34.67 0.90 -2.45
C SER B 158 35.74 -0.09 -2.82
C SER B 158 35.74 -0.15 -2.83
N LYS B 159 36.23 -0.08 -4.06
CA LYS B 159 37.29 -0.99 -4.52
C LYS B 159 38.57 -0.76 -3.72
N LYS B 160 38.82 0.49 -3.36
CA LYS B 160 40.02 0.82 -2.59
C LYS B 160 39.89 0.61 -1.08
N GLU B 161 38.70 0.83 -0.53
CA GLU B 161 38.54 1.00 0.89
C GLU B 161 37.76 -0.09 1.59
N MET B 162 37.05 -0.94 0.85
CA MET B 162 36.19 -1.93 1.48
C MET B 162 36.49 -3.35 0.97
N GLN B 163 36.32 -4.34 1.87
CA GLN B 163 36.49 -5.74 1.52
C GLN B 163 35.40 -6.21 0.57
N PRO B 164 35.70 -7.20 -0.28
CA PRO B 164 34.67 -7.73 -1.20
C PRO B 164 33.43 -8.25 -0.49
N THR B 165 33.52 -8.71 0.76
CA THR B 165 32.32 -9.18 1.42
C THR B 165 31.53 -8.09 2.15
N HIS B 166 32.02 -6.85 2.14
CA HIS B 166 31.29 -5.81 2.83
C HIS B 166 29.91 -5.59 2.18
N PRO B 167 28.82 -5.56 2.97
CA PRO B 167 27.49 -5.44 2.35
C PRO B 167 27.26 -4.18 1.50
N ILE B 168 27.93 -3.08 1.81
CA ILE B 168 27.73 -1.86 1.00
C ILE B 168 28.43 -2.01 -0.35
N ARG B 169 29.60 -2.64 -0.39
CA ARG B 169 30.27 -2.92 -1.64
C ARG B 169 29.45 -3.89 -2.49
N LEU B 170 28.92 -4.94 -1.87
CA LEU B 170 28.11 -5.91 -2.59
C LEU B 170 26.80 -5.29 -3.14
N GLY B 171 26.15 -4.49 -2.30
CA GLY B 171 24.90 -3.83 -2.67
C GLY B 171 25.11 -2.82 -3.80
N LEU B 172 26.22 -2.11 -3.77
CA LEU B 172 26.60 -1.23 -4.89
C LEU B 172 26.72 -2.03 -6.16
N ALA B 173 27.44 -3.15 -6.13
CA ALA B 173 27.54 -3.99 -7.32
C ALA B 173 26.20 -4.48 -7.81
N LEU B 174 25.35 -4.93 -6.89
CA LEU B 174 24.02 -5.39 -7.25
C LEU B 174 23.27 -4.32 -8.05
N ASN B 175 23.22 -3.12 -7.49
CA ASN B 175 22.40 -2.05 -8.08
C ASN B 175 23.03 -1.47 -9.34
N PHE B 176 24.35 -1.31 -9.35
CA PHE B 176 25.07 -0.80 -10.53
C PHE B 176 24.93 -1.80 -11.68
N SER B 177 24.97 -3.09 -11.39
CA SER B 177 24.74 -4.09 -12.44
C SER B 177 23.33 -3.98 -12.99
N VAL B 178 22.32 -3.80 -12.12
CA VAL B 178 20.95 -3.59 -12.61
C VAL B 178 20.86 -2.32 -13.49
N PHE B 179 21.56 -1.27 -13.08
CA PHE B 179 21.65 -0.06 -13.94
C PHE B 179 22.16 -0.42 -15.33
N TYR B 180 23.25 -1.16 -15.41
CA TYR B 180 23.67 -1.57 -16.77
C TYR B 180 22.62 -2.38 -17.52
N TYR B 181 21.99 -3.33 -16.85
CA TYR B 181 21.03 -4.21 -17.54
C TYR B 181 19.75 -3.47 -17.99
N GLU B 182 19.14 -2.73 -17.07
CA GLU B 182 17.82 -2.17 -17.26
C GLU B 182 17.83 -0.79 -17.91
N ILE B 183 18.86 -0.01 -17.63
CA ILE B 183 18.90 1.37 -18.11
C ILE B 183 19.81 1.50 -19.32
N LEU B 184 20.98 0.87 -19.30
CA LEU B 184 21.91 0.97 -20.44
C LEU B 184 21.76 -0.18 -21.44
N ASN B 185 20.88 -1.12 -21.14
CA ASN B 185 20.64 -2.26 -22.05
C ASN B 185 21.93 -2.96 -22.44
N SER B 186 22.77 -3.18 -21.42
CA SER B 186 24.10 -3.77 -21.58
C SER B 186 24.21 -5.06 -20.76
N PRO B 187 23.61 -6.15 -21.25
CA PRO B 187 23.55 -7.41 -20.50
C PRO B 187 24.92 -7.98 -20.16
N GLU B 188 25.88 -7.89 -21.08
CA GLU B 188 27.20 -8.42 -20.82
CA GLU B 188 27.22 -8.42 -20.82
C GLU B 188 27.92 -7.68 -19.69
N LYS B 189 27.87 -6.35 -19.70
CA LYS B 189 28.48 -5.57 -18.64
C LYS B 189 27.78 -5.83 -17.30
N ALA B 190 26.46 -5.91 -17.33
CA ALA B 190 25.66 -6.15 -16.12
C ALA B 190 26.06 -7.49 -15.49
N CYS B 191 26.15 -8.53 -16.31
CA CYS B 191 26.47 -9.86 -15.79
C CYS B 191 27.91 -9.91 -15.31
N SER B 192 28.83 -9.29 -16.04
CA SER B 192 30.21 -9.27 -15.63
C SER B 192 30.38 -8.58 -14.27
N LEU B 193 29.69 -7.46 -14.07
CA LEU B 193 29.83 -6.74 -12.82
C LEU B 193 29.30 -7.58 -11.66
N ALA B 194 28.11 -8.15 -11.86
CA ALA B 194 27.47 -8.96 -10.80
C ALA B 194 28.30 -10.20 -10.51
N LYS B 195 28.73 -10.91 -11.57
CA LYS B 195 29.52 -12.13 -11.36
C LYS B 195 30.88 -11.84 -10.68
N THR B 196 31.56 -10.77 -11.07
CA THR B 196 32.83 -10.45 -10.46
C THR B 196 32.64 -10.13 -9.00
N ALA B 197 31.61 -9.35 -8.65
CA ALA B 197 31.37 -9.03 -7.26
C ALA B 197 31.07 -10.28 -6.42
N PHE B 198 30.22 -11.13 -6.96
CA PHE B 198 29.85 -12.39 -6.30
C PHE B 198 31.12 -13.22 -6.09
N ASP B 199 31.87 -13.41 -7.18
CA ASP B 199 33.06 -14.28 -7.17
C ASP B 199 34.14 -13.76 -6.24
N GLU B 200 34.33 -12.44 -6.20
CA GLU B 200 35.34 -11.88 -5.31
C GLU B 200 34.97 -12.07 -3.85
N ALA B 201 33.67 -12.02 -3.54
CA ALA B 201 33.20 -12.27 -2.18
C ALA B 201 33.38 -13.75 -1.83
N ILE B 202 33.07 -14.66 -2.75
CA ILE B 202 33.19 -16.10 -2.44
C ILE B 202 34.63 -16.43 -2.19
N ALA B 203 35.52 -15.83 -2.96
CA ALA B 203 36.95 -16.11 -2.82
C ALA B 203 37.44 -15.70 -1.42
N GLU B 204 36.75 -14.77 -0.77
CA GLU B 204 37.11 -14.31 0.57
C GLU B 204 36.00 -14.54 1.62
N LEU B 205 35.24 -15.62 1.44
CA LEU B 205 34.11 -15.92 2.31
C LEU B 205 34.48 -16.03 3.79
N ASP B 206 35.74 -16.40 4.04
N ASP B 206 35.73 -16.42 4.03
CA ASP B 206 36.22 -16.57 5.40
CA ASP B 206 36.27 -16.55 5.37
C ASP B 206 36.38 -15.23 6.12
C ASP B 206 36.21 -15.23 6.15
N THR B 207 36.16 -14.12 5.42
CA THR B 207 36.19 -12.80 6.05
C THR B 207 34.82 -12.37 6.59
N LEU B 208 33.77 -13.17 6.39
CA LEU B 208 32.50 -12.89 7.06
C LEU B 208 32.70 -13.03 8.56
N ASN B 209 31.91 -12.26 9.31
CA ASN B 209 31.86 -12.32 10.77
C ASN B 209 30.41 -12.22 11.27
N GLU B 210 30.17 -12.39 12.57
CA GLU B 210 28.78 -12.40 13.07
C GLU B 210 28.03 -11.10 12.74
N GLU B 211 28.75 -9.99 12.72
CA GLU B 211 28.11 -8.71 12.55
C GLU B 211 27.48 -8.57 11.18
N SER B 212 28.14 -9.09 10.16
CA SER B 212 27.73 -8.74 8.80
C SER B 212 27.40 -9.94 7.90
N TYR B 213 27.55 -11.16 8.41
CA TYR B 213 27.34 -12.33 7.54
C TYR B 213 25.93 -12.38 6.97
N LYS B 214 24.93 -11.97 7.74
CA LYS B 214 23.57 -12.05 7.24
C LYS B 214 23.33 -11.06 6.12
N ASP B 215 23.69 -9.79 6.31
CA ASP B 215 23.49 -8.82 5.25
C ASP B 215 24.31 -9.19 3.98
N SER B 216 25.54 -9.64 4.16
N SER B 216 25.55 -9.62 4.19
CA SER B 216 26.38 -9.95 3.04
CA SER B 216 26.45 -9.98 3.11
C SER B 216 25.85 -11.14 2.27
C SER B 216 25.89 -11.14 2.30
N THR B 217 25.54 -12.22 2.98
CA THR B 217 25.08 -13.41 2.27
C THR B 217 23.72 -13.16 1.63
N LEU B 218 22.86 -12.29 2.23
CA LEU B 218 21.59 -11.97 1.58
C LEU B 218 21.87 -11.34 0.21
N ILE B 219 22.82 -10.42 0.17
CA ILE B 219 23.10 -9.74 -1.09
C ILE B 219 23.81 -10.68 -2.08
N MET B 220 24.68 -11.58 -1.60
CA MET B 220 25.23 -12.57 -2.50
C MET B 220 24.14 -13.44 -3.14
N GLN B 221 23.10 -13.78 -2.36
CA GLN B 221 21.98 -14.53 -2.93
C GLN B 221 21.23 -13.71 -4.01
N LEU B 222 21.08 -12.40 -3.77
CA LEU B 222 20.43 -11.53 -4.75
C LEU B 222 21.27 -11.39 -6.03
N LEU B 223 22.60 -11.33 -5.91
CA LEU B 223 23.48 -11.28 -7.07
C LEU B 223 23.26 -12.54 -7.90
N ARG B 224 23.28 -13.69 -7.21
CA ARG B 224 23.00 -14.96 -7.87
C ARG B 224 21.62 -14.99 -8.54
N ASP B 225 20.63 -14.45 -7.87
CA ASP B 225 19.27 -14.46 -8.36
C ASP B 225 19.19 -13.66 -9.68
N ASN B 226 19.82 -12.48 -9.72
CA ASN B 226 19.83 -11.67 -10.95
C ASN B 226 20.61 -12.38 -12.04
N LEU B 227 21.75 -12.99 -11.71
CA LEU B 227 22.51 -13.70 -12.73
C LEU B 227 21.68 -14.86 -13.31
N THR B 228 20.93 -15.53 -12.44
CA THR B 228 20.03 -16.59 -12.89
C THR B 228 18.93 -16.05 -13.80
N LEU B 229 18.29 -14.95 -13.40
CA LEU B 229 17.29 -14.30 -14.25
C LEU B 229 17.85 -13.96 -15.62
N TRP B 230 19.06 -13.43 -15.64
CA TRP B 230 19.66 -12.88 -16.86
C TRP B 230 20.25 -13.95 -17.80
N THR B 231 20.41 -15.17 -17.29
CA THR B 231 20.95 -16.28 -18.07
C THR B 231 19.88 -17.35 -18.28
N SER B 232 18.66 -17.07 -17.83
CA SER B 232 17.51 -17.92 -18.08
C SER B 232 17.04 -17.55 -19.47
N GLU B 233 17.80 -16.61 -20.04
CA GLU B 233 17.53 -15.92 -21.30
C GLU B 233 18.51 -16.35 -22.38
N GLN C 1 -9.45 19.09 -17.41
CA GLN C 1 -9.26 17.69 -16.98
C GLN C 1 -9.49 17.52 -15.48
N GLY C 2 -10.21 18.46 -14.88
CA GLY C 2 -10.65 18.31 -13.51
C GLY C 2 -11.94 17.52 -13.42
N SER C 3 -12.27 17.09 -12.23
CA SER C 3 -13.45 16.27 -12.00
C SER C 3 -14.77 16.91 -12.44
N MET C 4 -14.81 18.24 -12.43
N MET C 4 -14.88 18.22 -12.39
CA MET C 4 -16.03 18.96 -12.75
CA MET C 4 -16.18 18.84 -12.66
C MET C 4 -16.16 19.21 -14.25
C MET C 4 -16.41 18.99 -14.15
N THR C 5 -15.17 18.79 -15.05
N THR C 5 -15.37 18.72 -14.93
CA THR C 5 -15.27 18.77 -16.52
CA THR C 5 -15.45 18.75 -16.39
C THR C 5 -15.39 17.35 -17.07
C THR C 5 -15.75 17.35 -16.92
N MET C 6 -15.22 16.36 -16.21
CA MET C 6 -15.34 14.97 -16.63
C MET C 6 -16.76 14.48 -16.57
N ASP C 7 -17.10 13.57 -17.49
CA ASP C 7 -18.39 12.93 -17.40
C ASP C 7 -18.23 11.65 -16.60
N LYS C 8 -19.35 11.00 -16.31
CA LYS C 8 -19.33 9.81 -15.48
C LYS C 8 -18.40 8.75 -16.04
N SER C 9 -18.42 8.54 -17.35
CA SER C 9 -17.61 7.47 -17.94
C SER C 9 -16.13 7.73 -17.72
N GLU C 10 -15.74 9.00 -17.78
CA GLU C 10 -14.34 9.38 -17.60
C GLU C 10 -13.94 9.17 -16.15
N LEU C 11 -14.80 9.57 -15.23
CA LEU C 11 -14.50 9.42 -13.79
C LEU C 11 -14.37 7.94 -13.44
N VAL C 12 -15.23 7.11 -14.00
CA VAL C 12 -15.17 5.66 -13.76
C VAL C 12 -13.90 5.06 -14.35
N GLN C 13 -13.50 5.48 -15.55
CA GLN C 13 -12.25 5.03 -16.15
C GLN C 13 -11.08 5.43 -15.25
N LYS C 14 -11.11 6.63 -14.72
CA LYS C 14 -10.05 7.08 -13.80
C LYS C 14 -10.01 6.20 -12.55
N ALA C 15 -11.17 5.90 -11.98
CA ALA C 15 -11.25 5.02 -10.80
C ALA C 15 -10.64 3.65 -11.10
N LYS C 16 -10.93 3.12 -12.28
CA LYS C 16 -10.40 1.81 -12.66
C LYS C 16 -8.87 1.86 -12.84
N LEU C 17 -8.32 2.95 -13.38
CA LEU C 17 -6.86 3.08 -13.52
C LEU C 17 -6.25 3.17 -12.13
N ALA C 18 -6.85 3.98 -11.27
CA ALA C 18 -6.33 4.17 -9.91
C ALA C 18 -6.32 2.84 -9.17
N GLU C 19 -7.37 2.05 -9.37
CA GLU C 19 -7.45 0.74 -8.73
C GLU C 19 -6.28 -0.13 -9.18
N GLN C 20 -6.02 -0.16 -10.47
CA GLN C 20 -4.90 -0.96 -10.97
C GLN C 20 -3.56 -0.49 -10.45
N ALA C 21 -3.43 0.81 -10.33
CA ALA C 21 -2.20 1.43 -9.82
C ALA C 21 -2.09 1.38 -8.27
N GLU C 22 -3.09 0.80 -7.59
CA GLU C 22 -3.16 0.77 -6.14
C GLU C 22 -3.02 2.16 -5.52
N ARG C 23 -3.70 3.11 -6.17
CA ARG C 23 -3.78 4.49 -5.72
C ARG C 23 -5.21 4.75 -5.21
N TYR C 24 -5.46 4.31 -3.99
CA TYR C 24 -6.84 4.20 -3.55
C TYR C 24 -7.43 5.54 -3.15
N ASP C 25 -6.62 6.51 -2.75
CA ASP C 25 -7.14 7.86 -2.53
C ASP C 25 -7.69 8.44 -3.85
N ASP C 26 -6.94 8.27 -4.95
CA ASP C 26 -7.42 8.71 -6.27
C ASP C 26 -8.68 7.96 -6.63
N MET C 27 -8.70 6.66 -6.37
CA MET C 27 -9.88 5.87 -6.70
C MET C 27 -11.12 6.36 -5.94
N ALA C 28 -10.98 6.61 -4.65
CA ALA C 28 -12.07 7.10 -3.83
C ALA C 28 -12.54 8.48 -4.31
N ALA C 29 -11.59 9.37 -4.62
CA ALA C 29 -11.94 10.74 -5.03
C ALA C 29 -12.77 10.67 -6.32
N ALA C 30 -12.40 9.79 -7.23
CA ALA C 30 -13.13 9.65 -8.50
C ALA C 30 -14.55 9.16 -8.21
N MET C 31 -14.69 8.15 -7.37
CA MET C 31 -16.00 7.60 -7.15
C MET C 31 -16.86 8.48 -6.27
N LYS C 32 -16.24 9.29 -5.43
CA LYS C 32 -16.94 10.31 -4.67
CA LYS C 32 -16.96 10.30 -4.68
C LYS C 32 -17.54 11.30 -5.66
N ALA C 33 -16.75 11.70 -6.64
CA ALA C 33 -17.22 12.68 -7.62
C ALA C 33 -18.39 12.12 -8.44
N VAL C 34 -18.30 10.85 -8.82
CA VAL C 34 -19.39 10.17 -9.53
C VAL C 34 -20.64 10.21 -8.66
N THR C 35 -20.48 9.85 -7.39
CA THR C 35 -21.61 9.81 -6.48
C THR C 35 -22.29 11.17 -6.36
N GLU C 36 -21.50 12.23 -6.29
CA GLU C 36 -22.03 13.57 -6.12
C GLU C 36 -22.73 14.11 -7.38
N GLN C 37 -22.62 13.42 -8.49
CA GLN C 37 -23.40 13.78 -9.71
C GLN C 37 -24.88 13.44 -9.54
N GLY C 38 -25.19 12.60 -8.54
CA GLY C 38 -26.55 12.47 -8.03
C GLY C 38 -27.44 11.42 -8.66
N HIS C 39 -26.87 10.54 -9.46
CA HIS C 39 -27.65 9.45 -10.04
C HIS C 39 -27.27 8.13 -9.39
N GLU C 40 -28.21 7.19 -9.39
CA GLU C 40 -27.94 5.84 -8.86
C GLU C 40 -26.75 5.19 -9.54
N LEU C 41 -25.93 4.54 -8.73
CA LEU C 41 -24.79 3.85 -9.28
C LEU C 41 -25.16 2.50 -9.83
N SER C 42 -24.47 2.12 -10.90
CA SER C 42 -24.51 0.76 -11.41
C SER C 42 -23.86 -0.17 -10.40
N ASN C 43 -24.04 -1.47 -10.59
N ASN C 43 -24.05 -1.47 -10.59
N ASN C 43 -24.05 -1.47 -10.60
CA ASN C 43 -23.40 -2.46 -9.73
CA ASN C 43 -23.40 -2.47 -9.75
CA ASN C 43 -23.41 -2.49 -9.77
C ASN C 43 -21.88 -2.31 -9.82
C ASN C 43 -21.88 -2.34 -9.82
C ASN C 43 -21.89 -2.36 -9.83
N GLU C 44 -21.37 -2.08 -11.02
CA GLU C 44 -19.95 -1.90 -11.22
C GLU C 44 -19.45 -0.70 -10.42
N GLU C 45 -20.18 0.41 -10.52
CA GLU C 45 -19.79 1.65 -9.85
C GLU C 45 -19.87 1.51 -8.34
N ARG C 46 -20.91 0.83 -7.86
CA ARG C 46 -21.09 0.52 -6.45
C ARG C 46 -19.86 -0.19 -5.89
N ASN C 47 -19.45 -1.23 -6.59
CA ASN C 47 -18.28 -2.04 -6.21
CA ASN C 47 -18.30 -2.03 -6.18
C ASN C 47 -17.03 -1.17 -6.19
N LEU C 48 -16.87 -0.31 -7.19
CA LEU C 48 -15.66 0.54 -7.24
C LEU C 48 -15.60 1.48 -6.05
N LEU C 49 -16.74 2.09 -5.69
CA LEU C 49 -16.80 3.00 -4.55
C LEU C 49 -16.42 2.26 -3.28
N SER C 50 -17.00 1.08 -3.12
N SER C 50 -16.98 1.07 -3.10
CA SER C 50 -16.80 0.27 -1.92
CA SER C 50 -16.78 0.31 -1.87
C SER C 50 -15.35 -0.17 -1.78
C SER C 50 -15.34 -0.19 -1.76
N VAL C 51 -14.78 -0.66 -2.87
CA VAL C 51 -13.39 -1.13 -2.88
C VAL C 51 -12.46 0.02 -2.50
N ALA C 52 -12.74 1.20 -3.06
CA ALA C 52 -11.86 2.33 -2.86
C ALA C 52 -11.81 2.69 -1.39
N TYR C 53 -12.97 2.91 -0.79
CA TYR C 53 -12.99 3.37 0.59
C TYR C 53 -12.59 2.27 1.57
N LYS C 54 -12.82 1.02 1.22
CA LYS C 54 -12.43 -0.09 2.07
C LYS C 54 -10.91 -0.10 2.21
N ASN C 55 -10.23 0.17 1.12
CA ASN C 55 -8.76 0.25 1.17
C ASN C 55 -8.23 1.50 1.87
N VAL C 56 -8.90 2.62 1.67
CA VAL C 56 -8.51 3.87 2.30
C VAL C 56 -8.67 3.73 3.82
N VAL C 57 -9.84 3.27 4.29
CA VAL C 57 -10.03 3.11 5.73
C VAL C 57 -9.20 1.93 6.29
N GLY C 58 -9.00 0.90 5.48
CA GLY C 58 -8.33 -0.33 5.91
C GLY C 58 -6.89 -0.03 6.28
N ALA C 59 -6.28 0.91 5.56
CA ALA C 59 -4.90 1.28 5.89
C ALA C 59 -4.82 1.85 7.31
N ARG C 60 -5.82 2.64 7.71
CA ARG C 60 -5.82 3.24 9.04
C ARG C 60 -6.20 2.22 10.09
N ARG C 61 -7.11 1.30 9.77
CA ARG C 61 -7.42 0.23 10.72
C ARG C 61 -6.17 -0.60 11.01
N SER C 62 -5.43 -0.94 9.97
CA SER C 62 -4.18 -1.68 10.14
C SER C 62 -3.14 -0.90 10.96
N SER C 63 -2.92 0.35 10.61
CA SER C 63 -1.94 1.18 11.33
C SER C 63 -2.31 1.30 12.79
N TRP C 64 -3.60 1.51 13.06
CA TRP C 64 -4.08 1.67 14.43
C TRP C 64 -3.82 0.44 15.29
N ARG C 65 -4.04 -0.72 14.72
N ARG C 65 -4.05 -0.72 14.71
CA ARG C 65 -3.79 -1.98 15.41
CA ARG C 65 -3.79 -1.99 15.38
C ARG C 65 -2.30 -2.11 15.71
C ARG C 65 -2.31 -2.13 15.69
N VAL C 66 -1.46 -1.73 14.75
CA VAL C 66 -0.02 -1.82 14.93
C VAL C 66 0.43 -0.90 16.03
N ILE C 67 -0.01 0.34 16.02
CA ILE C 67 0.47 1.29 17.02
C ILE C 67 -0.07 0.88 18.39
N SER C 68 -1.32 0.42 18.44
CA SER C 68 -1.87 -0.06 19.71
C SER C 68 -1.02 -1.19 20.30
N SER C 69 -0.59 -2.12 19.47
N SER C 69 -0.57 -2.11 19.46
CA SER C 69 0.23 -3.22 19.93
CA SER C 69 0.23 -3.24 19.92
C SER C 69 1.58 -2.74 20.44
C SER C 69 1.61 -2.80 20.38
N ILE C 70 2.14 -1.75 19.76
CA ILE C 70 3.41 -1.18 20.18
C ILE C 70 3.24 -0.53 21.55
N GLU C 71 2.14 0.19 21.77
CA GLU C 71 1.93 0.82 23.09
C GLU C 71 1.87 -0.21 24.19
N GLN C 72 1.27 -1.35 23.88
N GLN C 72 1.27 -1.35 23.88
CA GLN C 72 1.12 -2.43 24.85
CA GLN C 72 1.12 -2.43 24.85
C GLN C 72 2.47 -2.95 25.32
C GLN C 72 2.47 -2.95 25.33
N LYS C 73 3.50 -2.82 24.48
CA LYS C 73 4.82 -3.40 24.78
C LYS C 73 5.93 -2.39 25.06
N THR C 74 5.62 -1.09 25.02
CA THR C 74 6.66 -0.07 25.15
C THR C 74 7.10 0.03 26.61
N GLU C 75 8.39 0.20 26.81
CA GLU C 75 8.93 0.33 28.15
C GLU C 75 8.54 1.68 28.75
N ARG C 76 8.64 1.80 30.07
CA ARG C 76 8.42 3.10 30.68
C ARG C 76 9.35 4.19 30.15
N ASN C 77 8.76 5.25 29.62
CA ASN C 77 9.49 6.33 29.00
C ASN C 77 8.44 7.37 28.66
N GLU C 78 8.34 8.41 29.47
CA GLU C 78 7.21 9.34 29.38
C GLU C 78 7.06 9.90 27.98
N LYS C 79 8.16 10.36 27.40
N LYS C 79 8.14 10.36 27.40
CA LYS C 79 8.12 10.97 26.08
CA LYS C 79 8.08 10.99 26.08
C LYS C 79 7.65 9.99 25.02
C LYS C 79 7.68 9.99 24.99
N LYS C 80 8.26 8.80 25.00
CA LYS C 80 7.91 7.79 24.02
C LYS C 80 6.47 7.36 24.16
N GLN C 81 6.02 7.16 25.39
CA GLN C 81 4.65 6.74 25.61
C GLN C 81 3.69 7.84 25.15
N GLN C 82 4.03 9.10 25.38
CA GLN C 82 3.17 10.18 24.96
C GLN C 82 3.13 10.26 23.44
N MET C 83 4.27 10.06 22.80
CA MET C 83 4.32 10.11 21.32
C MET C 83 3.44 9.01 20.71
N GLY C 84 3.48 7.82 21.29
CA GLY C 84 2.71 6.70 20.77
C GLY C 84 1.22 6.98 20.91
N LYS C 85 0.83 7.56 22.03
CA LYS C 85 -0.56 7.91 22.22
C LYS C 85 -1.02 8.95 21.22
N GLU C 86 -0.21 9.99 21.03
CA GLU C 86 -0.56 11.05 20.11
C GLU C 86 -0.62 10.51 18.66
N TYR C 87 0.28 9.59 18.32
CA TYR C 87 0.29 9.05 16.95
C TYR C 87 -0.94 8.18 16.73
N ARG C 88 -1.30 7.37 17.73
CA ARG C 88 -2.54 6.61 17.64
C ARG C 88 -3.70 7.57 17.44
N GLU C 89 -3.79 8.65 18.25
CA GLU C 89 -4.89 9.58 18.09
C GLU C 89 -4.93 10.28 16.73
N LYS C 90 -3.76 10.50 16.12
CA LYS C 90 -3.72 11.04 14.76
C LYS C 90 -4.35 10.09 13.76
N ILE C 91 -3.97 8.82 13.87
CA ILE C 91 -4.54 7.79 13.02
C ILE C 91 -6.05 7.68 13.25
N GLU C 92 -6.50 7.71 14.52
CA GLU C 92 -7.93 7.69 14.83
C GLU C 92 -8.67 8.83 14.15
N ALA C 93 -8.07 10.01 14.14
CA ALA C 93 -8.71 11.17 13.53
C ALA C 93 -8.88 10.99 12.04
N GLU C 94 -7.87 10.43 11.39
CA GLU C 94 -7.96 10.14 9.97
C GLU C 94 -9.08 9.14 9.72
N LEU C 95 -9.11 8.09 10.52
CA LEU C 95 -10.09 7.05 10.33
C LEU C 95 -11.51 7.63 10.48
N GLN C 96 -11.71 8.49 11.46
CA GLN C 96 -13.02 9.12 11.68
C GLN C 96 -13.40 10.02 10.50
N ASP C 97 -12.44 10.80 10.00
CA ASP C 97 -12.64 11.60 8.80
C ASP C 97 -13.09 10.77 7.58
N ILE C 98 -12.42 9.64 7.36
CA ILE C 98 -12.74 8.76 6.24
C ILE C 98 -14.15 8.19 6.42
N CYS C 99 -14.46 7.68 7.61
CA CYS C 99 -15.77 7.07 7.85
C CYS C 99 -16.86 8.12 7.68
N ASN C 100 -16.62 9.33 8.19
CA ASN C 100 -17.65 10.36 8.08
C ASN C 100 -17.92 10.77 6.64
N ASP C 101 -16.88 10.80 5.82
CA ASP C 101 -16.99 11.06 4.40
CA ASP C 101 -17.00 11.06 4.39
C ASP C 101 -17.90 10.04 3.73
N VAL C 102 -17.65 8.77 4.00
CA VAL C 102 -18.45 7.71 3.45
C VAL C 102 -19.88 7.77 3.97
N LEU C 103 -20.04 8.04 5.26
CA LEU C 103 -21.38 8.05 5.87
C LEU C 103 -22.20 9.22 5.33
N GLU C 104 -21.55 10.36 5.14
CA GLU C 104 -22.19 11.49 4.47
C GLU C 104 -22.60 11.17 3.01
N LEU C 105 -21.74 10.52 2.22
CA LEU C 105 -22.15 10.06 0.90
C LEU C 105 -23.37 9.13 0.98
N LEU C 106 -23.39 8.23 1.96
CA LEU C 106 -24.48 7.24 2.05
C LEU C 106 -25.79 7.94 2.39
N ASP C 107 -25.74 8.88 3.30
N ASP C 107 -25.70 8.91 3.28
CA ASP C 107 -26.98 9.50 3.77
CA ASP C 107 -26.89 9.57 3.84
C ASP C 107 -27.50 10.51 2.77
C ASP C 107 -27.47 10.56 2.84
N LYS C 108 -26.59 11.28 2.16
CA LYS C 108 -27.00 12.37 1.27
C LYS C 108 -27.37 11.93 -0.14
N TYR C 109 -26.67 10.93 -0.67
CA TYR C 109 -26.82 10.54 -2.07
C TYR C 109 -27.26 9.09 -2.27
N LEU C 110 -26.54 8.13 -1.68
CA LEU C 110 -26.70 6.75 -2.07
C LEU C 110 -27.99 6.14 -1.52
N ILE C 111 -28.21 6.29 -0.22
CA ILE C 111 -29.36 5.61 0.39
C ILE C 111 -30.68 6.24 -0.06
N PRO C 112 -30.80 7.58 -0.05
CA PRO C 112 -32.06 8.18 -0.54
C PRO C 112 -32.40 7.86 -2.00
N ASN C 113 -31.40 7.66 -2.85
CA ASN C 113 -31.62 7.40 -4.26
C ASN C 113 -31.72 5.91 -4.59
N ALA C 114 -31.39 5.06 -3.62
CA ALA C 114 -31.51 3.62 -3.83
C ALA C 114 -32.98 3.23 -3.96
N THR C 115 -33.28 2.44 -4.99
CA THR C 115 -34.64 2.00 -5.25
C THR C 115 -34.75 0.49 -5.23
N GLN C 116 -33.84 -0.19 -5.92
CA GLN C 116 -33.79 -1.65 -5.89
C GLN C 116 -33.45 -2.12 -4.48
N PRO C 117 -34.12 -3.17 -3.99
CA PRO C 117 -33.77 -3.69 -2.67
C PRO C 117 -32.29 -4.06 -2.59
N GLU C 118 -31.77 -4.62 -3.68
CA GLU C 118 -30.39 -5.09 -3.73
C GLU C 118 -29.43 -3.95 -3.41
N SER C 119 -29.75 -2.76 -3.90
N SER C 119 -29.74 -2.76 -3.90
N SER C 119 -29.74 -2.76 -3.91
CA SER C 119 -28.91 -1.59 -3.71
CA SER C 119 -28.87 -1.60 -3.69
CA SER C 119 -28.90 -1.58 -3.71
C SER C 119 -29.06 -1.04 -2.30
C SER C 119 -29.05 -1.02 -2.29
C SER C 119 -29.05 -1.04 -2.30
N LYS C 120 -30.29 -1.04 -1.80
CA LYS C 120 -30.56 -0.61 -0.45
C LYS C 120 -29.79 -1.50 0.52
N VAL C 121 -29.81 -2.81 0.30
CA VAL C 121 -29.11 -3.74 1.20
C VAL C 121 -27.60 -3.46 1.16
N PHE C 122 -27.06 -3.30 -0.03
CA PHE C 122 -25.64 -3.00 -0.18
C PHE C 122 -25.25 -1.75 0.61
N TYR C 123 -26.04 -0.70 0.49
CA TYR C 123 -25.69 0.56 1.10
C TYR C 123 -25.93 0.54 2.59
N LEU C 124 -26.99 -0.13 3.03
CA LEU C 124 -27.17 -0.24 4.47
C LEU C 124 -26.08 -1.11 5.09
N LYS C 125 -25.67 -2.15 4.36
CA LYS C 125 -24.55 -2.97 4.83
C LYS C 125 -23.29 -2.09 4.96
N MET C 126 -23.03 -1.24 3.98
CA MET C 126 -21.89 -0.33 4.06
CA MET C 126 -21.89 -0.31 4.06
C MET C 126 -22.00 0.62 5.26
N LYS C 127 -23.22 1.15 5.50
CA LYS C 127 -23.43 1.99 6.66
C LYS C 127 -23.10 1.24 7.98
N GLY C 128 -23.53 -0.02 8.07
CA GLY C 128 -23.22 -0.86 9.21
C GLY C 128 -21.72 -0.99 9.38
N ASP C 129 -21.05 -1.28 8.26
CA ASP C 129 -19.61 -1.49 8.26
C ASP C 129 -18.86 -0.25 8.77
N TYR C 130 -19.21 0.93 8.27
CA TYR C 130 -18.42 2.11 8.61
C TYR C 130 -18.72 2.59 10.02
N PHE C 131 -19.93 2.39 10.51
CA PHE C 131 -20.14 2.63 11.92
C PHE C 131 -19.43 1.59 12.80
N ARG C 132 -19.29 0.35 12.32
CA ARG C 132 -18.51 -0.66 13.02
C ARG C 132 -17.03 -0.23 13.07
N TYR C 133 -16.46 0.29 11.98
CA TYR C 133 -15.06 0.77 12.03
C TYR C 133 -14.92 1.95 13.01
N LEU C 134 -15.88 2.85 13.04
CA LEU C 134 -15.82 3.90 14.06
C LEU C 134 -15.85 3.33 15.49
N SER C 135 -16.65 2.30 15.70
N SER C 135 -16.65 2.30 15.70
N SER C 135 -16.69 2.32 15.70
N SER C 135 -16.64 2.28 15.70
CA SER C 135 -16.83 1.70 17.02
CA SER C 135 -16.83 1.70 17.02
CA SER C 135 -16.83 1.68 16.99
CA SER C 135 -16.83 1.66 17.03
C SER C 135 -15.56 1.01 17.52
C SER C 135 -15.56 1.01 17.51
C SER C 135 -15.51 1.14 17.50
C SER C 135 -15.64 0.83 17.50
N GLU C 136 -14.74 0.55 16.58
CA GLU C 136 -13.49 -0.14 16.90
C GLU C 136 -12.54 0.76 17.65
N VAL C 137 -12.64 2.07 17.44
CA VAL C 137 -11.73 3.01 18.08
C VAL C 137 -12.45 3.97 19.01
N ALA C 138 -13.77 3.90 19.08
CA ALA C 138 -14.51 4.84 19.90
C ALA C 138 -14.45 4.49 21.39
N SER C 139 -14.68 5.50 22.21
CA SER C 139 -14.87 5.31 23.64
C SER C 139 -16.11 6.08 24.14
N GLY C 140 -16.53 5.77 25.35
CA GLY C 140 -17.57 6.52 26.03
C GLY C 140 -18.92 6.57 25.32
N ASP C 141 -19.55 7.73 25.38
CA ASP C 141 -20.90 7.89 24.84
C ASP C 141 -20.87 7.85 23.32
N ASN C 142 -19.73 8.21 22.74
CA ASN C 142 -19.57 8.12 21.32
C ASN C 142 -19.66 6.67 20.86
N LYS C 143 -19.04 5.76 21.62
CA LYS C 143 -19.10 4.36 21.25
C LYS C 143 -20.54 3.82 21.34
N GLN C 144 -21.28 4.18 22.39
CA GLN C 144 -22.67 3.73 22.47
C GLN C 144 -23.44 4.11 21.20
N THR C 145 -23.22 5.32 20.72
CA THR C 145 -23.88 5.78 19.50
C THR C 145 -23.46 5.01 18.25
N THR C 146 -22.15 4.79 18.09
CA THR C 146 -21.68 4.18 16.85
C THR C 146 -22.11 2.74 16.80
N VAL C 147 -22.07 2.05 17.96
CA VAL C 147 -22.52 0.66 18.03
C VAL C 147 -23.99 0.55 17.65
N SER C 148 -24.79 1.42 18.20
CA SER C 148 -26.23 1.41 17.95
C SER C 148 -26.54 1.67 16.50
N ASN C 149 -25.87 2.66 15.92
CA ASN C 149 -26.08 3.00 14.51
C ASN C 149 -25.62 1.88 13.60
N SER C 150 -24.51 1.23 13.94
CA SER C 150 -24.11 0.06 13.19
C SER C 150 -25.18 -1.04 13.22
N GLN C 151 -25.66 -1.36 14.42
CA GLN C 151 -26.63 -2.45 14.57
C GLN C 151 -27.92 -2.18 13.79
N GLN C 152 -28.40 -0.94 13.90
CA GLN C 152 -29.60 -0.53 13.20
C GLN C 152 -29.47 -0.67 11.68
N ALA C 153 -28.32 -0.29 11.13
CA ALA C 153 -28.15 -0.33 9.69
C ALA C 153 -28.10 -1.79 9.22
N TYR C 154 -27.31 -2.59 9.91
CA TYR C 154 -27.21 -4.01 9.59
C TYR C 154 -28.57 -4.69 9.67
N GLN C 155 -29.32 -4.35 10.70
N GLN C 155 -29.33 -4.34 10.70
CA GLN C 155 -30.60 -5.02 10.97
CA GLN C 155 -30.61 -5.00 10.96
C GLN C 155 -31.59 -4.76 9.85
C GLN C 155 -31.60 -4.73 9.84
N GLU C 156 -31.69 -3.52 9.41
N GLU C 156 -31.74 -3.48 9.44
CA GLU C 156 -32.60 -3.16 8.32
CA GLU C 156 -32.57 -3.12 8.30
C GLU C 156 -32.16 -3.78 7.00
C GLU C 156 -32.15 -3.91 7.08
N ALA C 157 -30.85 -3.84 6.78
CA ALA C 157 -30.32 -4.51 5.61
C ALA C 157 -30.68 -5.98 5.61
N PHE C 158 -30.54 -6.58 6.79
CA PHE C 158 -30.79 -8.00 7.01
C PHE C 158 -32.26 -8.32 6.71
N GLU C 159 -33.16 -7.50 7.24
N GLU C 159 -33.16 -7.50 7.24
CA GLU C 159 -34.61 -7.70 7.06
CA GLU C 159 -34.59 -7.68 7.08
C GLU C 159 -34.95 -7.63 5.56
C GLU C 159 -34.96 -7.66 5.59
N ILE C 160 -34.44 -6.61 4.87
N ILE C 160 -34.48 -6.64 4.88
CA ILE C 160 -34.73 -6.46 3.45
CA ILE C 160 -34.78 -6.52 3.46
C ILE C 160 -34.13 -7.63 2.67
C ILE C 160 -34.14 -7.67 2.68
N SER C 161 -32.92 -8.06 3.03
CA SER C 161 -32.25 -9.13 2.28
C SER C 161 -33.03 -10.45 2.40
N LYS C 162 -33.57 -10.72 3.58
CA LYS C 162 -34.30 -11.96 3.83
C LYS C 162 -35.62 -12.00 3.07
N LYS C 163 -36.20 -10.83 2.88
CA LYS C 163 -37.48 -10.68 2.19
C LYS C 163 -37.32 -10.65 0.68
N GLU C 164 -36.30 -9.93 0.20
CA GLU C 164 -36.21 -9.57 -1.22
C GLU C 164 -35.08 -10.25 -2.01
N MET C 165 -34.23 -11.04 -1.36
CA MET C 165 -33.06 -11.61 -2.04
C MET C 165 -32.94 -13.11 -1.81
N GLN C 166 -32.37 -13.81 -2.79
CA GLN C 166 -32.16 -15.24 -2.63
C GLN C 166 -31.02 -15.52 -1.61
N PRO C 167 -31.17 -16.60 -0.83
CA PRO C 167 -30.17 -16.90 0.20
C PRO C 167 -28.76 -17.04 -0.35
N THR C 168 -28.62 -17.35 -1.64
CA THR C 168 -27.30 -17.53 -2.25
C THR C 168 -26.70 -16.22 -2.77
N HIS C 169 -27.48 -15.15 -2.72
CA HIS C 169 -27.04 -13.88 -3.27
C HIS C 169 -25.78 -13.41 -2.55
N PRO C 170 -24.71 -13.09 -3.29
CA PRO C 170 -23.46 -12.78 -2.58
C PRO C 170 -23.59 -11.58 -1.64
N ILE C 171 -24.54 -10.68 -1.88
CA ILE C 171 -24.70 -9.47 -1.05
C ILE C 171 -25.37 -9.88 0.24
N ARG C 172 -26.34 -10.78 0.14
CA ARG C 172 -27.00 -11.27 1.36
C ARG C 172 -26.03 -12.10 2.22
N LEU C 173 -25.25 -12.97 1.58
CA LEU C 173 -24.12 -13.58 2.23
C LEU C 173 -23.20 -12.35 2.34
N GLY C 174 -22.16 -12.34 3.13
CA GLY C 174 -21.42 -11.09 3.13
C GLY C 174 -22.12 -10.12 4.05
N LEU C 175 -23.38 -9.72 3.82
CA LEU C 175 -24.10 -9.03 4.90
C LEU C 175 -24.16 -9.95 6.14
N ALA C 176 -24.54 -11.20 5.95
CA ALA C 176 -24.61 -12.12 7.10
C ALA C 176 -23.24 -12.29 7.73
N LEU C 177 -22.23 -12.39 6.87
CA LEU C 177 -20.86 -12.53 7.34
C LEU C 177 -20.51 -11.36 8.26
N ASN C 178 -20.70 -10.15 7.75
CA ASN C 178 -20.25 -8.96 8.49
C ASN C 178 -21.09 -8.68 9.74
N PHE C 179 -22.41 -8.88 9.66
CA PHE C 179 -23.30 -8.67 10.80
C PHE C 179 -22.97 -9.67 11.92
N SER C 180 -22.66 -10.90 11.56
N SER C 180 -22.64 -10.89 11.55
CA SER C 180 -22.26 -11.91 12.53
CA SER C 180 -22.24 -11.92 12.51
C SER C 180 -20.97 -11.49 13.22
C SER C 180 -20.95 -11.51 13.20
N VAL C 181 -20.02 -10.96 12.44
CA VAL C 181 -18.79 -10.44 13.04
C VAL C 181 -19.09 -9.26 13.98
N PHE C 182 -20.02 -8.36 13.60
CA PHE C 182 -20.42 -7.28 14.47
C PHE C 182 -20.89 -7.84 15.81
N TYR C 183 -21.72 -8.88 15.77
CA TYR C 183 -22.18 -9.47 17.03
C TYR C 183 -21.01 -10.03 17.84
N TYR C 184 -20.08 -10.73 17.18
CA TYR C 184 -19.02 -11.39 17.93
C TYR C 184 -18.00 -10.39 18.49
N GLU C 185 -17.59 -9.46 17.64
CA GLU C 185 -16.47 -8.58 17.98
C GLU C 185 -16.88 -7.30 18.67
N ILE C 186 -18.02 -6.73 18.31
CA ILE C 186 -18.44 -5.47 18.87
C ILE C 186 -19.41 -5.61 20.04
N LEU C 187 -20.39 -6.48 19.90
CA LEU C 187 -21.37 -6.69 20.98
C LEU C 187 -20.98 -7.81 21.95
N ASN C 188 -19.88 -8.49 21.68
CA ASN C 188 -19.43 -9.61 22.51
CA ASN C 188 -19.42 -9.62 22.48
C ASN C 188 -20.54 -10.63 22.76
N SER C 189 -21.18 -11.03 21.67
N SER C 189 -21.20 -11.01 21.68
CA SER C 189 -22.32 -11.95 21.71
CA SER C 189 -22.34 -11.93 21.68
C SER C 189 -22.06 -13.12 20.78
C SER C 189 -22.05 -13.12 20.77
N PRO C 190 -21.25 -14.08 21.25
CA PRO C 190 -20.84 -15.18 20.37
C PRO C 190 -22.01 -16.04 19.90
N GLU C 191 -23.02 -16.28 20.73
CA GLU C 191 -24.10 -17.15 20.34
CA GLU C 191 -24.09 -17.17 20.33
C GLU C 191 -24.98 -16.52 19.26
N LYS C 192 -25.20 -15.21 19.33
CA LYS C 192 -25.94 -14.55 18.27
C LYS C 192 -25.15 -14.57 16.94
N ALA C 193 -23.84 -14.37 17.05
CA ALA C 193 -22.96 -14.36 15.88
C ALA C 193 -22.99 -15.71 15.20
N CYS C 194 -22.91 -16.77 16.00
CA CYS C 194 -22.82 -18.10 15.43
C CYS C 194 -24.17 -18.49 14.82
N SER C 195 -25.26 -18.11 15.49
CA SER C 195 -26.59 -18.41 15.01
CA SER C 195 -26.57 -18.47 14.99
C SER C 195 -26.81 -17.80 13.63
N LEU C 196 -26.47 -16.51 13.52
CA LEU C 196 -26.64 -15.79 12.27
C LEU C 196 -25.82 -16.42 11.14
N ALA C 197 -24.56 -16.72 11.40
CA ALA C 197 -23.68 -17.29 10.38
C ALA C 197 -24.16 -18.68 9.94
N LYS C 198 -24.51 -19.54 10.89
CA LYS C 198 -24.96 -20.91 10.59
C LYS C 198 -26.23 -20.92 9.76
N THR C 199 -27.20 -20.08 10.14
CA THR C 199 -28.44 -20.04 9.42
C THR C 199 -28.23 -19.57 7.99
N ALA C 200 -27.39 -18.55 7.82
CA ALA C 200 -27.15 -18.02 6.47
C ALA C 200 -26.47 -19.09 5.62
N PHE C 201 -25.52 -19.79 6.22
CA PHE C 201 -24.81 -20.86 5.51
C PHE C 201 -25.76 -21.97 5.08
N ASP C 202 -26.63 -22.38 5.99
CA ASP C 202 -27.59 -23.45 5.71
C ASP C 202 -28.58 -23.09 4.59
N GLU C 203 -29.15 -21.88 4.67
CA GLU C 203 -30.12 -21.43 3.68
C GLU C 203 -29.49 -21.38 2.28
N ALA C 204 -28.18 -21.24 2.25
CA ALA C 204 -27.44 -21.14 1.00
C ALA C 204 -27.15 -22.52 0.40
N ILE C 205 -26.67 -23.47 1.22
CA ILE C 205 -26.39 -24.81 0.71
C ILE C 205 -27.67 -25.43 0.15
N ALA C 206 -28.81 -24.97 0.64
CA ALA C 206 -30.11 -25.48 0.19
C ALA C 206 -30.38 -25.18 -1.29
N GLU C 207 -29.65 -24.24 -1.88
CA GLU C 207 -29.98 -23.77 -3.21
C GLU C 207 -28.77 -23.64 -4.15
N LEU C 208 -27.65 -24.24 -3.77
CA LEU C 208 -26.44 -24.19 -4.61
C LEU C 208 -26.61 -24.92 -5.92
N ASP C 209 -27.55 -25.87 -5.96
CA ASP C 209 -27.80 -26.67 -7.16
C ASP C 209 -28.73 -25.96 -8.14
N THR C 210 -28.88 -24.65 -7.98
CA THR C 210 -29.69 -23.83 -8.87
C THR C 210 -28.83 -22.79 -9.58
N LEU C 211 -27.55 -22.75 -9.22
CA LEU C 211 -26.65 -21.70 -9.70
C LEU C 211 -25.74 -22.15 -10.85
N ASN C 212 -25.52 -21.27 -11.80
CA ASN C 212 -24.57 -21.62 -12.87
C ASN C 212 -23.12 -21.42 -12.29
N GLU C 213 -22.10 -21.84 -13.01
CA GLU C 213 -20.73 -21.98 -12.51
C GLU C 213 -20.19 -20.67 -11.91
N GLU C 214 -20.54 -19.54 -12.51
CA GLU C 214 -20.04 -18.27 -12.04
C GLU C 214 -20.69 -17.91 -10.71
N SER C 215 -22.02 -18.02 -10.64
CA SER C 215 -22.76 -17.72 -9.43
C SER C 215 -22.32 -18.64 -8.29
N TYR C 216 -22.15 -19.92 -8.61
CA TYR C 216 -21.74 -20.93 -7.65
C TYR C 216 -20.39 -20.55 -7.04
N LYS C 217 -19.47 -20.11 -7.90
CA LYS C 217 -18.15 -19.68 -7.45
C LYS C 217 -18.28 -18.51 -6.47
N ASP C 218 -19.08 -17.50 -6.84
CA ASP C 218 -19.24 -16.30 -6.04
C ASP C 218 -19.86 -16.60 -4.68
N SER C 219 -20.89 -17.43 -4.66
CA SER C 219 -21.58 -17.74 -3.41
C SER C 219 -20.73 -18.61 -2.49
N THR C 220 -20.11 -19.64 -3.06
CA THR C 220 -19.36 -20.57 -2.22
C THR C 220 -18.13 -19.92 -1.61
N LEU C 221 -17.61 -18.90 -2.28
CA LEU C 221 -16.49 -18.13 -1.75
C LEU C 221 -16.84 -17.50 -0.40
N ILE C 222 -17.99 -16.84 -0.32
CA ILE C 222 -18.43 -16.19 0.92
C ILE C 222 -18.89 -17.24 1.95
N MET C 223 -19.48 -18.34 1.48
CA MET C 223 -19.86 -19.41 2.36
C MET C 223 -18.66 -20.01 3.06
N GLN C 224 -17.54 -20.07 2.38
CA GLN C 224 -16.34 -20.59 3.00
C GLN C 224 -15.87 -19.67 4.13
N LEU C 225 -16.12 -18.37 3.97
CA LEU C 225 -15.73 -17.38 4.99
C LEU C 225 -16.63 -17.55 6.21
N LEU C 226 -17.92 -17.77 6.00
CA LEU C 226 -18.81 -18.08 7.13
C LEU C 226 -18.32 -19.31 7.88
N ARG C 227 -17.99 -20.37 7.14
CA ARG C 227 -17.47 -21.57 7.76
C ARG C 227 -16.15 -21.31 8.47
N ASP C 228 -15.30 -20.51 7.86
CA ASP C 228 -14.03 -20.17 8.47
C ASP C 228 -14.26 -19.48 9.82
N ASN C 229 -15.18 -18.52 9.86
CA ASN C 229 -15.44 -17.80 11.11
C ASN C 229 -16.06 -18.72 12.17
N LEU C 230 -16.96 -19.59 11.73
CA LEU C 230 -17.59 -20.53 12.65
C LEU C 230 -16.52 -21.45 13.26
N THR C 231 -15.58 -21.88 12.43
CA THR C 231 -14.46 -22.69 12.92
C THR C 231 -13.65 -21.89 13.94
N LEU C 232 -13.31 -20.67 13.57
CA LEU C 232 -12.59 -19.76 14.45
C LEU C 232 -13.28 -19.61 15.81
N TRP C 233 -14.61 -19.58 15.78
CA TRP C 233 -15.42 -19.31 16.96
C TRP C 233 -15.92 -20.53 17.74
N THR C 234 -16.09 -21.66 17.07
CA THR C 234 -16.64 -22.85 17.73
C THR C 234 -15.51 -23.69 18.32
N SER C 235 -14.40 -23.01 18.62
CA SER C 235 -13.32 -23.59 19.41
C SER C 235 -13.31 -22.92 20.78
N GLU C 236 -13.91 -21.72 20.84
CA GLU C 236 -13.96 -20.91 22.06
C GLU C 236 -12.56 -20.65 22.62
N PHE D 1 8.86 -10.84 -17.39
CA PHE D 1 9.67 -10.81 -18.60
C PHE D 1 10.01 -9.39 -18.96
N GLY D 2 11.20 -9.16 -19.50
CA GLY D 2 11.59 -7.80 -19.86
C GLY D 2 11.91 -6.89 -18.68
N GLY D 3 12.28 -7.48 -17.56
CA GLY D 3 12.73 -6.69 -16.42
C GLY D 3 11.65 -5.73 -15.96
N ILE D 4 12.05 -4.49 -15.72
CA ILE D 4 11.11 -3.50 -15.21
C ILE D 4 10.01 -3.10 -16.18
N THR D 5 10.06 -3.58 -17.42
CA THR D 5 8.98 -3.35 -18.38
C THR D 5 7.88 -4.41 -18.32
N GLY D 6 8.07 -5.47 -17.53
CA GLY D 6 7.11 -6.55 -17.40
C GLY D 6 6.47 -6.67 -16.03
N GLU D 7 6.04 -7.88 -15.69
CA GLU D 7 5.36 -8.14 -14.42
C GLU D 7 6.37 -8.23 -13.30
N ALA D 8 5.91 -8.00 -12.07
CA ALA D 8 6.81 -7.84 -10.93
C ALA D 8 7.67 -9.08 -10.65
N GLU D 9 7.13 -10.26 -10.96
CA GLU D 9 7.83 -11.53 -10.82
C GLU D 9 9.22 -11.54 -11.52
N GLY D 10 9.34 -10.75 -12.58
CA GLY D 10 10.56 -10.65 -13.37
C GLY D 10 11.40 -9.42 -13.10
N PHE D 11 11.08 -8.61 -12.10
CA PHE D 11 11.95 -7.47 -11.83
C PHE D 11 13.26 -7.98 -11.23
N PRO D 12 14.40 -7.39 -11.63
CA PRO D 12 15.68 -7.72 -11.01
C PRO D 12 15.76 -7.12 -9.61
N ALA D 13 16.52 -7.75 -8.72
CA ALA D 13 16.59 -7.31 -7.35
C ALA D 13 17.55 -6.18 -7.16
N VAL D 15 18.94 -3.37 -3.73
CA VAL D 15 18.90 -3.12 -2.28
C VAL D 15 19.17 -1.68 -1.86
N PHE E 1 6.87 -16.46 -24.98
CA PHE E 1 8.21 -16.52 -24.39
C PHE E 1 8.70 -17.96 -24.31
N GLY E 2 10.02 -18.13 -24.34
CA GLY E 2 10.64 -19.44 -24.33
C GLY E 2 10.87 -20.22 -25.64
N GLY E 3 10.60 -19.69 -26.84
CA GLY E 3 9.98 -18.41 -27.14
C GLY E 3 8.47 -18.57 -27.31
#